data_5UWG
#
_entry.id   5UWG
#
_cell.length_a   103.452
_cell.length_b   109.373
_cell.length_c   76.789
_cell.angle_alpha   90.00
_cell.angle_beta   90.00
_cell.angle_gamma   90.00
#
_symmetry.space_group_name_H-M   'C 2 2 21'
#
loop_
_entity.id
_entity.type
_entity.pdbx_description
1 polymer Frizzled-4
2 non-polymer 'PALMITOLEIC ACID'
3 non-polymer 2-acetamido-2-deoxy-beta-D-glucopyranose
4 water water
#
_entity_poly.entity_id   1
_entity_poly.type   'polypeptide(L)'
_entity_poly.pdbx_seq_one_letter_code
;EEERRCDPIRISMCQNLGYNVTKMPNLVGHELQTDAELQLTTFTPLIQYGCSSQLQFFLCSVYVPMCTEKINIPIGPCGG
MCLSVKRRCEPVLKEFGFAWPESLNCSKFPPQNDHNHMCMEGPGD
;
_entity_poly.pdbx_strand_id   A,B
#
# COMPACT_ATOMS: atom_id res chain seq x y z
N ARG A 5 -5.16 -18.68 -31.44
CA ARG A 5 -4.26 -19.25 -30.43
C ARG A 5 -3.60 -18.21 -29.47
N CYS A 6 -3.24 -17.03 -29.93
CA CYS A 6 -2.25 -16.20 -29.11
C CYS A 6 -2.72 -14.74 -28.93
N ASP A 7 -3.65 -14.43 -28.03
CA ASP A 7 -4.28 -13.06 -27.99
C ASP A 7 -3.32 -11.90 -27.66
N PRO A 8 -3.58 -10.72 -28.25
CA PRO A 8 -2.77 -9.52 -27.94
C PRO A 8 -3.00 -9.06 -26.51
N ILE A 9 -2.08 -8.23 -26.00
CA ILE A 9 -2.13 -7.81 -24.60
C ILE A 9 -2.90 -6.50 -24.43
N ARG A 10 -4.04 -6.58 -23.74
CA ARG A 10 -4.89 -5.42 -23.52
C ARG A 10 -4.48 -4.65 -22.28
N ILE A 11 -3.59 -5.22 -21.49
CA ILE A 11 -3.13 -4.60 -20.26
C ILE A 11 -2.09 -3.52 -20.54
N SER A 12 -2.25 -2.38 -19.88
CA SER A 12 -1.61 -1.15 -20.31
C SER A 12 -0.09 -1.07 -20.09
N MET A 13 0.41 -1.51 -18.95
CA MET A 13 1.84 -1.30 -18.64
C MET A 13 2.77 -2.36 -19.24
N CYS A 14 2.21 -3.47 -19.71
CA CYS A 14 2.98 -4.55 -20.30
C CYS A 14 3.07 -4.41 -21.81
N GLN A 15 2.70 -3.23 -22.28
CA GLN A 15 2.37 -2.98 -23.69
C GLN A 15 3.57 -2.93 -24.60
N ASN A 16 4.48 -2.02 -24.31
CA ASN A 16 5.65 -1.96 -25.14
C ASN A 16 6.81 -2.63 -24.39
N LEU A 17 6.69 -3.94 -24.20
CA LEU A 17 7.77 -4.79 -23.67
C LEU A 17 8.50 -5.56 -24.78
N GLY A 18 9.30 -6.55 -24.38
CA GLY A 18 9.95 -7.43 -25.34
C GLY A 18 8.93 -8.07 -26.24
N TYR A 19 7.79 -8.41 -25.67
CA TYR A 19 6.79 -9.18 -26.38
C TYR A 19 5.41 -8.53 -26.33
N ASN A 20 4.55 -8.85 -27.29
CA ASN A 20 3.26 -8.19 -27.42
C ASN A 20 2.07 -9.15 -27.55
N VAL A 21 2.26 -10.41 -27.17
CA VAL A 21 1.19 -11.40 -27.27
C VAL A 21 1.16 -12.29 -26.03
N THR A 22 -0.03 -12.72 -25.61
CA THR A 22 -0.16 -13.55 -24.42
C THR A 22 -1.18 -14.67 -24.56
N LYS A 23 -1.31 -15.48 -23.50
CA LYS A 23 -2.26 -16.58 -23.49
C LYS A 23 -2.61 -16.99 -22.07
N MET A 24 -3.88 -16.85 -21.72
CA MET A 24 -4.36 -17.22 -20.40
C MET A 24 -4.60 -18.73 -20.40
N PRO A 25 -4.59 -19.38 -19.22
CA PRO A 25 -4.35 -18.83 -17.88
C PRO A 25 -2.89 -18.44 -17.65
N ASN A 26 -2.66 -17.42 -16.84
CA ASN A 26 -1.30 -17.02 -16.48
C ASN A 26 -0.75 -17.89 -15.34
N LEU A 27 0.46 -17.56 -14.87
CA LEU A 27 1.15 -18.36 -13.87
C LEU A 27 0.61 -18.13 -12.46
N VAL A 28 -0.61 -17.61 -12.39
CA VAL A 28 -1.33 -17.41 -11.14
C VAL A 28 -2.66 -18.19 -11.29
N GLY A 29 -2.94 -18.59 -12.52
CA GLY A 29 -4.05 -19.50 -12.77
C GLY A 29 -5.31 -18.82 -13.28
N HIS A 30 -5.29 -17.51 -13.36
CA HIS A 30 -6.49 -16.76 -13.74
C HIS A 30 -6.64 -16.67 -15.25
N GLU A 31 -7.89 -16.67 -15.70
CA GLU A 31 -8.20 -16.79 -17.12
C GLU A 31 -8.45 -15.45 -17.81
N LEU A 32 -8.53 -14.38 -17.04
CA LEU A 32 -8.96 -13.09 -17.58
C LEU A 32 -7.90 -11.99 -17.47
N GLN A 33 -7.67 -11.28 -18.57
CA GLN A 33 -6.69 -10.19 -18.55
C GLN A 33 -7.14 -9.08 -17.61
N THR A 34 -8.45 -8.88 -17.54
CA THR A 34 -9.01 -7.87 -16.67
C THR A 34 -8.65 -8.16 -15.21
N ASP A 35 -8.48 -9.44 -14.87
CA ASP A 35 -8.07 -9.85 -13.52
C ASP A 35 -6.61 -9.52 -13.26
N ALA A 36 -5.76 -9.88 -14.21
CA ALA A 36 -4.35 -9.62 -14.11
C ALA A 36 -4.11 -8.12 -13.99
N GLU A 37 -4.78 -7.35 -14.84
CA GLU A 37 -4.70 -5.89 -14.78
C GLU A 37 -5.03 -5.37 -13.39
N LEU A 38 -6.03 -5.97 -12.75
CA LEU A 38 -6.41 -5.56 -11.41
C LEU A 38 -5.34 -5.92 -10.40
N GLN A 39 -4.82 -7.14 -10.50
CA GLN A 39 -3.84 -7.64 -9.55
C GLN A 39 -2.47 -6.98 -9.74
N LEU A 40 -2.24 -6.36 -10.89
CA LEU A 40 -0.99 -5.63 -11.11
C LEU A 40 -0.99 -4.28 -10.43
N THR A 41 -2.17 -3.69 -10.23
CA THR A 41 -2.24 -2.33 -9.70
C THR A 41 -1.73 -2.29 -8.28
N THR A 42 -1.86 -3.40 -7.56
CA THR A 42 -1.40 -3.42 -6.18
C THR A 42 0.10 -3.17 -6.10
N PHE A 43 0.83 -3.45 -7.19
CA PHE A 43 2.29 -3.28 -7.19
C PHE A 43 2.77 -1.90 -7.67
N THR A 44 1.86 -1.00 -8.03
CA THR A 44 2.32 0.30 -8.59
C THR A 44 3.23 1.10 -7.64
N PRO A 45 2.92 1.13 -6.31
CA PRO A 45 3.89 1.86 -5.48
C PRO A 45 5.29 1.26 -5.53
N LEU A 46 5.33 -0.08 -5.53
CA LEU A 46 6.59 -0.81 -5.62
C LEU A 46 7.36 -0.45 -6.90
N ILE A 47 6.64 -0.37 -8.02
CA ILE A 47 7.25 0.03 -9.28
C ILE A 47 7.72 1.48 -9.26
N GLN A 48 6.90 2.35 -8.67
CA GLN A 48 7.22 3.77 -8.55
C GLN A 48 8.51 4.01 -7.80
N TYR A 49 8.75 3.20 -6.78
CA TYR A 49 9.90 3.37 -5.92
C TYR A 49 11.21 2.97 -6.61
N GLY A 50 11.15 2.01 -7.52
CA GLY A 50 12.32 1.64 -8.29
C GLY A 50 13.33 0.79 -7.55
N CYS A 51 12.86 -0.22 -6.82
CA CYS A 51 13.77 -1.10 -6.13
C CYS A 51 14.47 -2.04 -7.13
N SER A 52 13.86 -2.21 -8.30
CA SER A 52 14.42 -3.10 -9.32
C SER A 52 13.92 -2.78 -10.73
N SER A 53 14.85 -2.51 -11.65
CA SER A 53 14.51 -2.20 -13.03
C SER A 53 13.82 -3.36 -13.75
N GLN A 54 13.95 -4.56 -13.20
CA GLN A 54 13.35 -5.75 -13.82
C GLN A 54 11.97 -6.07 -13.28
N LEU A 55 11.47 -5.24 -12.39
CA LEU A 55 10.24 -5.56 -11.65
C LEU A 55 9.02 -5.57 -12.58
N GLN A 56 8.95 -4.57 -13.46
CA GLN A 56 7.82 -4.47 -14.38
C GLN A 56 7.78 -5.68 -15.30
N PHE A 57 8.91 -5.97 -15.97
CA PHE A 57 9.00 -7.13 -16.85
C PHE A 57 8.66 -8.40 -16.09
N PHE A 58 9.33 -8.62 -14.96
CA PHE A 58 9.08 -9.80 -14.15
C PHE A 58 7.59 -9.98 -13.85
N LEU A 59 6.95 -8.92 -13.32
CA LEU A 59 5.51 -8.97 -13.00
C LEU A 59 4.64 -9.24 -14.25
N CYS A 60 4.94 -8.56 -15.35
CA CYS A 60 4.20 -8.77 -16.59
C CYS A 60 4.35 -10.21 -17.09
N SER A 61 5.57 -10.72 -17.06
CA SER A 61 5.83 -12.09 -17.50
C SER A 61 5.15 -13.14 -16.62
N VAL A 62 4.72 -12.75 -15.42
CA VAL A 62 3.98 -13.65 -14.56
C VAL A 62 2.48 -13.57 -14.82
N TYR A 63 1.95 -12.36 -14.82
CA TYR A 63 0.50 -12.17 -14.89
C TYR A 63 -0.02 -12.15 -16.33
N VAL A 64 0.83 -11.75 -17.27
CA VAL A 64 0.45 -11.79 -18.68
C VAL A 64 1.61 -12.39 -19.51
N PRO A 65 1.81 -13.71 -19.39
CA PRO A 65 3.00 -14.41 -19.89
C PRO A 65 3.13 -14.39 -21.42
N MET A 66 4.35 -14.56 -21.92
CA MET A 66 4.58 -14.57 -23.37
C MET A 66 3.97 -15.78 -24.04
N CYS A 67 3.26 -15.53 -25.13
CA CYS A 67 2.73 -16.58 -25.99
C CYS A 67 3.37 -16.49 -27.36
N THR A 68 3.86 -17.60 -27.87
CA THR A 68 4.28 -17.67 -29.26
C THR A 68 3.52 -18.82 -29.90
N GLU A 69 3.36 -18.77 -31.21
CA GLU A 69 2.59 -19.79 -31.91
C GLU A 69 3.29 -21.13 -31.87
N LYS A 70 4.61 -21.11 -31.78
CA LYS A 70 5.44 -22.31 -31.81
C LYS A 70 5.36 -23.13 -30.51
N ILE A 71 4.98 -22.48 -29.41
CA ILE A 71 4.96 -23.16 -28.12
C ILE A 71 3.53 -23.32 -27.58
N ASN A 72 3.27 -24.46 -26.95
CA ASN A 72 1.94 -24.74 -26.41
C ASN A 72 1.66 -24.09 -25.06
N ILE A 73 2.73 -23.81 -24.31
CA ILE A 73 2.58 -23.29 -22.94
C ILE A 73 2.90 -21.80 -22.83
N PRO A 74 2.33 -21.13 -21.83
CA PRO A 74 2.69 -19.74 -21.53
C PRO A 74 4.12 -19.64 -21.00
N ILE A 75 4.85 -18.65 -21.47
CA ILE A 75 6.25 -18.51 -21.11
C ILE A 75 6.46 -17.43 -20.05
N GLY A 76 6.73 -17.87 -18.83
CA GLY A 76 6.99 -16.95 -17.72
C GLY A 76 8.47 -16.67 -17.53
N PRO A 77 8.83 -16.18 -16.32
CA PRO A 77 10.20 -15.75 -16.04
C PRO A 77 11.09 -16.88 -15.57
N CYS A 78 12.40 -16.75 -15.79
CA CYS A 78 13.36 -17.67 -15.22
C CYS A 78 13.52 -17.38 -13.73
N GLY A 79 13.65 -18.44 -12.94
CA GLY A 79 13.86 -18.33 -11.51
C GLY A 79 14.95 -17.35 -11.13
N GLY A 80 16.00 -17.28 -11.95
CA GLY A 80 17.11 -16.38 -11.68
C GLY A 80 16.69 -14.93 -11.63
N MET A 81 15.86 -14.51 -12.59
CA MET A 81 15.36 -13.15 -12.62
C MET A 81 14.51 -12.88 -11.38
N CYS A 82 13.62 -13.82 -11.07
CA CYS A 82 12.80 -13.74 -9.89
C CYS A 82 13.63 -13.53 -8.63
N LEU A 83 14.70 -14.31 -8.50
CA LEU A 83 15.59 -14.20 -7.34
C LEU A 83 16.19 -12.80 -7.24
N SER A 84 16.67 -12.30 -8.36
CA SER A 84 17.26 -10.97 -8.44
C SER A 84 16.26 -9.89 -8.04
N VAL A 85 15.03 -10.02 -8.53
CA VAL A 85 13.99 -9.05 -8.23
C VAL A 85 13.65 -9.13 -6.75
N LYS A 86 13.35 -10.34 -6.29
CA LYS A 86 13.08 -10.61 -4.88
C LYS A 86 14.16 -10.04 -3.96
N ARG A 87 15.42 -10.21 -4.32
CA ARG A 87 16.52 -9.69 -3.50
C ARG A 87 16.41 -8.17 -3.34
N ARG A 88 16.01 -7.49 -4.40
CA ARG A 88 15.99 -6.03 -4.41
C ARG A 88 14.69 -5.46 -3.85
N CYS A 89 13.58 -6.17 -4.02
CA CYS A 89 12.27 -5.59 -3.72
C CYS A 89 11.55 -6.17 -2.47
N GLU A 90 11.86 -7.41 -2.09
CA GLU A 90 11.33 -7.94 -0.85
C GLU A 90 11.62 -7.07 0.39
N PRO A 91 12.83 -6.48 0.49
CA PRO A 91 13.02 -5.67 1.70
C PRO A 91 12.07 -4.50 1.77
N VAL A 92 11.68 -3.97 0.61
CA VAL A 92 10.76 -2.85 0.55
C VAL A 92 9.38 -3.25 1.08
N LEU A 93 8.98 -4.49 0.83
CA LEU A 93 7.69 -4.96 1.29
C LEU A 93 7.70 -5.21 2.80
N LYS A 94 8.83 -5.73 3.30
CA LYS A 94 8.93 -6.10 4.70
C LYS A 94 8.93 -4.89 5.62
N GLU A 95 9.60 -3.83 5.18
CA GLU A 95 9.65 -2.60 5.95
C GLU A 95 8.26 -1.97 6.12
N PHE A 96 7.30 -2.39 5.30
CA PHE A 96 5.94 -1.89 5.36
C PHE A 96 4.97 -2.94 5.87
N GLY A 97 5.48 -4.03 6.40
CA GLY A 97 4.62 -5.01 7.03
C GLY A 97 4.24 -6.18 6.14
N PHE A 98 4.71 -6.17 4.90
CA PHE A 98 4.33 -7.21 3.95
C PHE A 98 5.44 -8.22 3.76
N ALA A 99 5.22 -9.18 2.87
CA ALA A 99 6.22 -10.16 2.54
C ALA A 99 6.24 -10.40 1.03
N TRP A 100 7.15 -11.25 0.58
CA TRP A 100 7.16 -11.69 -0.80
C TRP A 100 5.91 -12.52 -1.02
N PRO A 101 5.04 -12.10 -1.94
CA PRO A 101 3.79 -12.80 -2.19
C PRO A 101 4.02 -14.23 -2.61
N GLU A 102 3.16 -15.13 -2.14
CA GLU A 102 3.31 -16.55 -2.44
C GLU A 102 3.26 -16.77 -3.93
N SER A 103 2.35 -16.05 -4.60
CA SER A 103 2.15 -16.21 -6.03
C SER A 103 3.42 -15.86 -6.82
N LEU A 104 4.44 -15.35 -6.14
CA LEU A 104 5.70 -14.99 -6.80
C LEU A 104 6.88 -15.81 -6.29
N ASN A 105 6.58 -16.88 -5.57
CA ASN A 105 7.58 -17.82 -5.06
C ASN A 105 8.50 -18.33 -6.18
N CYS A 106 9.78 -18.00 -6.09
CA CYS A 106 10.73 -18.31 -7.16
C CYS A 106 10.88 -19.81 -7.42
N SER A 107 10.39 -20.64 -6.50
CA SER A 107 10.42 -22.09 -6.69
C SER A 107 9.47 -22.56 -7.80
N LYS A 108 8.47 -21.77 -8.12
CA LYS A 108 7.48 -22.18 -9.12
C LYS A 108 7.91 -21.80 -10.53
N PHE A 109 9.13 -21.30 -10.67
CA PHE A 109 9.67 -20.98 -11.98
C PHE A 109 10.89 -21.85 -12.27
N PRO A 110 11.14 -22.14 -13.56
CA PRO A 110 12.37 -22.83 -13.98
C PRO A 110 13.61 -21.99 -13.73
N PRO A 111 14.74 -22.63 -13.42
CA PRO A 111 15.97 -21.88 -13.13
C PRO A 111 16.64 -21.02 -14.21
N GLN A 112 16.71 -21.39 -15.49
CA GLN A 112 17.65 -20.64 -16.34
C GLN A 112 17.31 -20.43 -17.83
N ASN A 113 16.44 -21.30 -18.37
CA ASN A 113 16.14 -21.44 -19.81
C ASN A 113 17.15 -22.40 -20.45
N HIS A 117 12.84 -27.01 -20.04
CA HIS A 117 12.02 -25.88 -19.61
C HIS A 117 12.52 -24.55 -20.15
N MET A 118 11.60 -23.78 -20.74
CA MET A 118 11.94 -22.53 -21.39
C MET A 118 11.32 -21.34 -20.67
N CYS A 119 12.07 -20.26 -20.55
CA CYS A 119 11.59 -19.07 -19.86
C CYS A 119 12.38 -17.84 -20.28
N MET A 120 11.89 -16.66 -19.88
CA MET A 120 12.57 -15.42 -20.21
C MET A 120 13.51 -15.01 -19.09
N GLU A 121 14.63 -14.39 -19.44
CA GLU A 121 15.67 -14.10 -18.45
C GLU A 121 15.78 -12.62 -18.14
N GLY A 122 15.33 -11.78 -19.06
CA GLY A 122 15.43 -10.34 -18.87
C GLY A 122 14.73 -9.61 -20.00
N PRO A 123 15.05 -8.32 -20.16
CA PRO A 123 14.43 -7.56 -21.26
C PRO A 123 14.76 -8.12 -22.64
N ARG B 5 -24.37 10.02 25.03
CA ARG B 5 -23.47 11.16 24.84
C ARG B 5 -22.23 10.75 24.06
N CYS B 6 -21.43 9.89 24.65
CA CYS B 6 -20.16 9.49 24.05
C CYS B 6 -20.04 7.97 23.91
N ASP B 7 -19.40 7.51 22.84
CA ASP B 7 -19.26 6.08 22.56
C ASP B 7 -17.83 5.60 22.78
N PRO B 8 -17.68 4.36 23.30
CA PRO B 8 -16.36 3.79 23.59
C PRO B 8 -15.61 3.40 22.31
N ILE B 9 -14.29 3.44 22.38
CA ILE B 9 -13.46 3.07 21.25
C ILE B 9 -13.38 1.56 21.10
N ARG B 10 -13.94 1.05 20.01
CA ARG B 10 -13.93 -0.38 19.74
C ARG B 10 -12.68 -0.81 18.97
N ILE B 11 -12.20 0.09 18.10
CA ILE B 11 -11.03 -0.16 17.27
C ILE B 11 -9.78 -0.46 18.09
N SER B 12 -9.13 -1.58 17.77
CA SER B 12 -8.03 -2.10 18.58
C SER B 12 -6.80 -1.19 18.63
N MET B 13 -6.42 -0.61 17.49
CA MET B 13 -5.17 0.13 17.43
C MET B 13 -5.26 1.54 17.99
N CYS B 14 -6.45 1.93 18.45
CA CYS B 14 -6.65 3.25 19.04
C CYS B 14 -7.03 3.14 20.52
N GLN B 15 -6.61 2.07 21.21
CA GLN B 15 -7.20 1.79 22.51
C GLN B 15 -6.33 2.17 23.73
N ASN B 16 -5.03 1.96 23.68
CA ASN B 16 -4.16 2.39 24.79
C ASN B 16 -3.67 3.81 24.56
N LEU B 17 -4.58 4.76 24.61
CA LEU B 17 -4.21 6.15 24.44
C LEU B 17 -4.66 6.93 25.67
N GLY B 18 -4.58 8.26 25.59
CA GLY B 18 -5.00 9.09 26.69
C GLY B 18 -6.47 8.89 27.02
N TYR B 19 -7.29 8.73 25.98
CA TYR B 19 -8.73 8.62 26.14
C TYR B 19 -9.23 7.23 25.78
N ASN B 20 -10.46 6.95 26.18
CA ASN B 20 -11.09 5.66 25.88
C ASN B 20 -12.50 5.85 25.31
N VAL B 21 -12.87 7.10 25.02
CA VAL B 21 -14.19 7.39 24.49
C VAL B 21 -14.12 8.31 23.27
N THR B 22 -15.03 8.11 22.32
CA THR B 22 -15.02 8.86 21.08
C THR B 22 -16.43 9.15 20.58
N LYS B 23 -16.54 9.94 19.52
CA LYS B 23 -17.83 10.28 18.94
C LYS B 23 -17.73 10.41 17.42
N MET B 24 -18.71 9.78 16.74
CA MET B 24 -18.86 9.79 15.31
C MET B 24 -19.97 10.66 14.81
N PRO B 25 -19.84 11.10 13.56
CA PRO B 25 -20.74 11.98 12.83
C PRO B 25 -22.01 11.33 12.25
N HIS B 30 -19.15 6.53 6.60
CA HIS B 30 -18.27 7.42 7.35
C HIS B 30 -18.98 7.97 8.58
N GLU B 31 -19.75 7.12 9.25
CA GLU B 31 -20.47 7.52 10.45
C GLU B 31 -20.32 6.45 11.54
N LEU B 32 -19.65 5.35 11.15
CA LEU B 32 -19.46 4.16 12.00
C LEU B 32 -18.02 3.98 12.43
N GLN B 33 -17.80 3.49 13.65
CA GLN B 33 -16.45 3.24 14.13
C GLN B 33 -15.70 2.30 13.19
N THR B 34 -16.44 1.44 12.49
CA THR B 34 -15.85 0.48 11.57
C THR B 34 -15.50 1.13 10.22
N ASP B 35 -16.12 2.28 9.93
CA ASP B 35 -15.84 3.01 8.69
C ASP B 35 -14.51 3.76 8.79
N ALA B 36 -14.19 4.20 10.00
CA ALA B 36 -12.91 4.85 10.27
C ALA B 36 -11.82 3.81 10.38
N GLU B 37 -12.20 2.62 10.86
CA GLU B 37 -11.28 1.49 10.95
C GLU B 37 -10.73 1.24 9.55
N LEU B 38 -11.60 1.29 8.56
CA LEU B 38 -11.20 1.15 7.17
C LEU B 38 -10.07 2.12 6.81
N GLN B 39 -10.25 3.39 7.16
CA GLN B 39 -9.26 4.40 6.82
C GLN B 39 -7.95 4.21 7.59
N LEU B 40 -8.05 3.65 8.78
CA LEU B 40 -6.86 3.43 9.61
C LEU B 40 -5.98 2.33 9.06
N THR B 41 -6.60 1.39 8.35
CA THR B 41 -5.87 0.24 7.86
C THR B 41 -5.00 0.56 6.65
N THR B 42 -5.41 1.55 5.88
CA THR B 42 -4.61 2.02 4.78
C THR B 42 -3.27 2.52 5.29
N PHE B 43 -3.27 3.14 6.47
CA PHE B 43 -2.07 3.81 6.97
C PHE B 43 -1.18 2.92 7.81
N THR B 44 -1.63 1.70 8.12
CA THR B 44 -0.85 0.81 8.98
C THR B 44 0.53 0.41 8.41
N PRO B 45 0.65 0.24 7.07
CA PRO B 45 2.04 -0.01 6.62
C PRO B 45 2.98 1.16 6.94
N LEU B 46 2.47 2.39 6.88
CA LEU B 46 3.25 3.57 7.24
C LEU B 46 3.57 3.58 8.74
N ILE B 47 2.70 2.99 9.54
CA ILE B 47 2.96 2.87 10.97
C ILE B 47 4.05 1.82 11.18
N GLN B 48 3.94 0.70 10.48
CA GLN B 48 4.92 -0.38 10.58
C GLN B 48 6.30 0.10 10.13
N TYR B 49 6.32 0.97 9.13
CA TYR B 49 7.56 1.53 8.61
C TYR B 49 8.32 2.26 9.70
N GLY B 50 7.58 3.01 10.52
CA GLY B 50 8.18 3.77 11.60
C GLY B 50 8.94 4.97 11.11
N CYS B 51 8.22 5.99 10.68
CA CYS B 51 8.85 7.23 10.26
C CYS B 51 8.61 8.30 11.33
N SER B 52 7.68 8.02 12.23
CA SER B 52 7.41 8.89 13.37
C SER B 52 6.61 8.11 14.42
N SER B 53 7.12 8.09 15.64
CA SER B 53 6.46 7.36 16.74
C SER B 53 5.09 7.95 17.09
N GLN B 54 4.83 9.17 16.62
CA GLN B 54 3.57 9.83 16.90
C GLN B 54 2.51 9.57 15.84
N LEU B 55 2.88 8.85 14.77
CA LEU B 55 1.98 8.66 13.64
C LEU B 55 0.67 7.97 14.03
N GLN B 56 0.80 6.84 14.71
CA GLN B 56 -0.35 6.05 15.13
C GLN B 56 -1.32 6.87 15.99
N PHE B 57 -0.80 7.56 16.99
CA PHE B 57 -1.64 8.41 17.85
C PHE B 57 -2.28 9.55 17.06
N PHE B 58 -1.50 10.18 16.18
CA PHE B 58 -2.00 11.27 15.36
C PHE B 58 -3.17 10.83 14.48
N LEU B 59 -3.03 9.68 13.82
CA LEU B 59 -4.07 9.19 12.93
C LEU B 59 -5.36 8.90 13.70
N CYS B 60 -5.20 8.24 14.84
CA CYS B 60 -6.31 7.96 15.75
C CYS B 60 -7.04 9.21 16.19
N SER B 61 -6.28 10.25 16.50
CA SER B 61 -6.88 11.48 17.00
C SER B 61 -7.69 12.20 15.92
N VAL B 62 -7.44 11.89 14.66
CA VAL B 62 -8.15 12.52 13.55
C VAL B 62 -9.37 11.73 13.12
N TYR B 63 -9.28 10.41 13.13
CA TYR B 63 -10.33 9.55 12.60
C TYR B 63 -11.24 9.05 13.72
N VAL B 64 -10.65 8.86 14.89
CA VAL B 64 -11.41 8.49 16.07
C VAL B 64 -11.09 9.50 17.17
N PRO B 65 -11.59 10.74 17.03
CA PRO B 65 -11.22 11.84 17.93
C PRO B 65 -11.83 11.70 19.33
N MET B 66 -11.18 12.33 20.30
CA MET B 66 -11.61 12.25 21.69
C MET B 66 -12.95 12.93 21.91
N CYS B 67 -13.80 12.30 22.72
CA CYS B 67 -15.06 12.90 23.09
C CYS B 67 -15.20 12.93 24.60
N THR B 68 -15.87 13.95 25.10
CA THR B 68 -16.20 14.05 26.52
C THR B 68 -17.58 14.69 26.62
N GLU B 69 -18.28 14.44 27.72
CA GLU B 69 -19.64 14.94 27.86
C GLU B 69 -19.68 16.45 28.06
N LYS B 70 -18.65 16.98 28.71
CA LYS B 70 -18.56 18.42 28.99
C LYS B 70 -18.55 19.24 27.70
N ILE B 71 -18.08 18.63 26.62
CA ILE B 71 -18.00 19.31 25.33
C ILE B 71 -18.87 18.58 24.30
N ASN B 72 -19.36 19.31 23.30
CA ASN B 72 -20.19 18.70 22.28
C ASN B 72 -19.61 18.84 20.88
N ILE B 73 -18.29 18.95 20.79
CA ILE B 73 -17.58 18.82 19.52
C ILE B 73 -16.41 17.86 19.70
N PRO B 74 -16.03 17.13 18.64
CA PRO B 74 -14.93 16.17 18.75
C PRO B 74 -13.58 16.84 18.90
N ILE B 75 -12.72 16.30 19.75
CA ILE B 75 -11.42 16.90 19.99
C ILE B 75 -10.33 16.18 19.21
N GLY B 76 -9.62 16.94 18.38
CA GLY B 76 -8.61 16.37 17.51
C GLY B 76 -7.19 16.71 17.92
N PRO B 77 -6.24 16.60 16.97
CA PRO B 77 -4.82 16.85 17.19
C PRO B 77 -4.43 18.31 17.04
N CYS B 78 -3.27 18.67 17.57
CA CYS B 78 -2.74 20.02 17.44
C CYS B 78 -1.83 20.12 16.22
N GLY B 79 -1.98 21.22 15.48
CA GLY B 79 -1.23 21.45 14.25
C GLY B 79 0.27 21.30 14.39
N GLY B 80 0.81 21.57 15.57
CA GLY B 80 2.22 21.45 15.80
C GLY B 80 2.68 20.01 15.68
N MET B 81 1.89 19.11 16.23
CA MET B 81 2.19 17.69 16.14
C MET B 81 2.00 17.19 14.71
N CYS B 82 0.90 17.60 14.10
CA CYS B 82 0.61 17.24 12.72
C CYS B 82 1.76 17.60 11.80
N LEU B 83 2.26 18.82 11.94
CA LEU B 83 3.41 19.28 11.16
C LEU B 83 4.65 18.44 11.44
N SER B 84 4.81 18.04 12.70
CA SER B 84 5.94 17.23 13.12
C SER B 84 5.94 15.87 12.44
N VAL B 85 4.75 15.27 12.38
CA VAL B 85 4.54 13.99 11.71
C VAL B 85 4.74 14.13 10.21
N LYS B 86 4.00 15.05 9.60
CA LYS B 86 4.05 15.31 8.16
C LYS B 86 5.48 15.52 7.68
N ARG B 87 6.28 16.21 8.50
CA ARG B 87 7.68 16.44 8.19
C ARG B 87 8.41 15.12 7.96
N ARG B 88 8.15 14.16 8.84
CA ARG B 88 8.86 12.89 8.82
C ARG B 88 8.24 11.85 7.90
N CYS B 89 6.97 12.00 7.58
CA CYS B 89 6.26 10.92 6.90
C CYS B 89 5.91 11.22 5.44
N GLU B 90 5.75 12.49 5.10
CA GLU B 90 5.48 12.86 3.72
C GLU B 90 6.58 12.42 2.74
N PRO B 91 7.87 12.66 3.08
CA PRO B 91 8.92 12.20 2.16
C PRO B 91 8.86 10.69 1.83
N VAL B 92 8.51 9.87 2.81
CA VAL B 92 8.33 8.44 2.57
C VAL B 92 7.18 8.19 1.60
N LEU B 93 6.07 8.86 1.83
CA LEU B 93 4.91 8.75 0.95
C LEU B 93 5.28 9.17 -0.47
N LYS B 94 6.06 10.22 -0.56
CA LYS B 94 6.44 10.78 -1.86
C LYS B 94 7.21 9.80 -2.72
N GLU B 95 8.16 9.08 -2.14
CA GLU B 95 8.99 8.19 -2.94
C GLU B 95 8.19 6.97 -3.45
N PHE B 96 7.02 6.72 -2.88
CA PHE B 96 6.17 5.62 -3.34
C PHE B 96 4.97 6.13 -4.14
N GLY B 97 5.01 7.41 -4.51
CA GLY B 97 4.00 7.98 -5.38
C GLY B 97 2.71 8.41 -4.71
N PHE B 98 2.76 8.69 -3.41
CA PHE B 98 1.60 9.24 -2.71
C PHE B 98 1.90 10.65 -2.25
N ALA B 99 0.84 11.41 -1.96
CA ALA B 99 1.02 12.72 -1.33
C ALA B 99 0.31 12.75 0.01
N TRP B 100 0.68 13.71 0.85
CA TRP B 100 0.03 13.90 2.14
C TRP B 100 -1.45 14.19 1.93
N PRO B 101 -2.32 13.29 2.44
CA PRO B 101 -3.77 13.33 2.21
C PRO B 101 -4.45 14.61 2.69
N GLU B 102 -5.49 15.03 1.96
CA GLU B 102 -6.27 16.21 2.30
C GLU B 102 -6.89 16.10 3.68
N SER B 103 -7.31 14.88 4.02
CA SER B 103 -7.91 14.61 5.32
C SER B 103 -6.94 14.86 6.47
N LEU B 104 -5.68 15.09 6.14
CA LEU B 104 -4.66 15.34 7.16
C LEU B 104 -3.92 16.66 6.91
N ASN B 105 -4.49 17.52 6.06
CA ASN B 105 -3.94 18.85 5.82
C ASN B 105 -3.88 19.63 7.13
N CYS B 106 -2.70 20.09 7.52
CA CYS B 106 -2.47 20.65 8.84
C CYS B 106 -3.22 21.95 9.15
N SER B 107 -3.97 22.46 8.18
CA SER B 107 -4.70 23.70 8.37
C SER B 107 -6.14 23.47 8.82
N LYS B 108 -6.53 22.21 9.05
CA LYS B 108 -7.86 21.91 9.57
C LYS B 108 -7.77 21.58 11.06
N PHE B 109 -6.57 21.68 11.59
CA PHE B 109 -6.34 21.51 13.01
C PHE B 109 -5.90 22.83 13.60
N PRO B 110 -6.42 23.17 14.80
CA PRO B 110 -5.88 24.36 15.47
C PRO B 110 -4.35 24.17 15.64
N PRO B 111 -3.56 25.26 15.71
CA PRO B 111 -2.09 25.25 15.87
C PRO B 111 -1.52 24.76 17.20
N GLN B 112 -2.00 25.27 18.31
CA GLN B 112 -1.60 24.82 19.61
C GLN B 112 -2.87 24.64 20.43
N ASN B 113 -2.75 24.45 21.75
CA ASN B 113 -3.95 24.25 22.55
C ASN B 113 -4.39 25.58 23.10
N ASP B 114 -5.41 26.13 22.46
CA ASP B 114 -5.85 27.47 22.75
C ASP B 114 -6.83 27.49 23.92
N HIS B 115 -7.14 28.70 24.38
CA HIS B 115 -8.24 28.89 25.32
C HIS B 115 -9.51 29.18 24.51
N ASN B 116 -9.40 28.95 23.20
CA ASN B 116 -10.51 29.15 22.28
C ASN B 116 -10.81 27.89 21.48
N HIS B 117 -9.78 27.06 21.31
CA HIS B 117 -9.94 25.77 20.63
C HIS B 117 -9.08 24.72 21.34
N MET B 118 -9.67 23.55 21.59
CA MET B 118 -8.96 22.49 22.29
C MET B 118 -8.48 21.39 21.35
N CYS B 119 -7.32 20.82 21.67
CA CYS B 119 -6.72 19.76 20.89
C CYS B 119 -5.60 19.08 21.67
N MET B 120 -5.06 18.00 21.11
CA MET B 120 -4.03 17.22 21.81
C MET B 120 -2.67 17.39 21.12
N GLU B 121 -1.66 17.74 21.91
CA GLU B 121 -0.32 18.03 21.38
C GLU B 121 0.55 16.79 21.29
N GLY B 122 0.09 15.70 21.91
CA GLY B 122 0.83 14.45 21.92
C GLY B 122 0.22 13.46 22.89
N PRO B 123 0.98 12.42 23.26
CA PRO B 123 0.52 11.41 24.22
C PRO B 123 0.17 12.00 25.58
#